data_5HRC
#
_entry.id   5HRC
#
_cell.length_a   46.779
_cell.length_b   48.234
_cell.length_c   114.784
_cell.angle_alpha   90.00
_cell.angle_beta   95.12
_cell.angle_gamma   90.00
#
_symmetry.space_group_name_H-M   'P 1 21 1'
#
loop_
_entity.id
_entity.type
_entity.pdbx_description
1 polymer 'aspartate/glutamate racemase'
2 non-polymer 'ASPARTIC ACID'
3 non-polymer '2-[N-CYCLOHEXYLAMINO]ETHANE SULFONIC ACID'
4 water water
#
_entity_poly.entity_id   1
_entity_poly.type   'polypeptide(L)'
_entity_poly.pdbx_seq_one_letter_code
;MKTIGLLGGMSWESTIPYYRLINEGIKQRLGGLHSAQVLLHSVDFHEIEECQRRGEWDKTGDILAEAALGLQRAGAEGIV
LCTNTMHKVADAIESRCTLPFLHIADATGRAITGAGMTRVALLGTRYTMEQDFYRGRLTEQFSINCLIPEADERAKINQI
IFEELCLGQFTEASRAYYAQVIARLAEQGAQGVIFGCTEIGLLVPEERSVLPVFDTAAIHAEDAVAFMLSLEHHH
;
_entity_poly.pdbx_strand_id   A,B
#
# COMPACT_ATOMS: atom_id res chain seq x y z
N MET A 1 -11.05 -15.11 -8.37
CA MET A 1 -9.60 -14.92 -8.33
C MET A 1 -9.04 -15.51 -7.04
N LYS A 2 -7.76 -15.86 -7.05
CA LYS A 2 -7.11 -16.31 -5.83
C LYS A 2 -6.67 -15.13 -4.99
N THR A 3 -6.67 -15.34 -3.69
CA THR A 3 -6.16 -14.34 -2.75
C THR A 3 -4.64 -14.46 -2.68
N ILE A 4 -3.96 -13.35 -2.93
CA ILE A 4 -2.49 -13.34 -2.88
C ILE A 4 -2.02 -12.88 -1.50
N GLY A 5 -0.94 -13.52 -1.02
CA GLY A 5 -0.34 -13.20 0.26
C GLY A 5 0.98 -12.49 0.03
N LEU A 6 1.13 -11.28 0.55
CA LEU A 6 2.32 -10.49 0.33
C LEU A 6 3.14 -10.39 1.62
N LEU A 7 4.44 -10.59 1.50
CA LEU A 7 5.38 -10.37 2.60
C LEU A 7 6.09 -9.07 2.25
N GLY A 8 5.69 -7.99 2.91
CA GLY A 8 6.14 -6.65 2.55
C GLY A 8 6.79 -5.92 3.72
N GLY A 9 6.96 -4.60 3.58
CA GLY A 9 7.69 -3.83 4.58
C GLY A 9 9.19 -3.87 4.40
N MET A 10 9.69 -4.20 3.21
CA MET A 10 11.13 -4.42 3.04
C MET A 10 11.70 -3.79 1.77
N SER A 11 11.68 -2.45 1.65
CA SER A 11 11.05 -1.54 2.62
C SER A 11 9.59 -1.34 2.28
N TRP A 12 8.85 -0.68 3.17
CA TRP A 12 7.44 -0.40 2.86
C TRP A 12 7.31 0.49 1.64
N GLU A 13 8.34 1.29 1.35
CA GLU A 13 8.30 2.15 0.17
C GLU A 13 8.11 1.33 -1.10
N SER A 14 8.76 0.17 -1.19
CA SER A 14 8.59 -0.67 -2.37
C SER A 14 7.43 -1.65 -2.25
N THR A 15 6.83 -1.78 -1.06
CA THR A 15 5.61 -2.58 -0.99
C THR A 15 4.46 -1.86 -1.67
N ILE A 16 4.48 -0.53 -1.67
CA ILE A 16 3.38 0.22 -2.28
C ILE A 16 3.25 -0.05 -3.78
N PRO A 17 4.30 0.04 -4.60
CA PRO A 17 4.14 -0.31 -6.03
C PRO A 17 3.59 -1.71 -6.24
N TYR A 18 3.95 -2.69 -5.40
CA TYR A 18 3.32 -4.00 -5.50
C TYR A 18 1.81 -3.88 -5.34
N TYR A 19 1.38 -3.24 -4.26
CA TYR A 19 -0.05 -3.08 -4.02
C TYR A 19 -0.71 -2.35 -5.18
N ARG A 20 -0.11 -1.25 -5.64
CA ARG A 20 -0.71 -0.47 -6.72
C ARG A 20 -0.84 -1.32 -7.99
N LEU A 21 0.26 -1.96 -8.41
CA LEU A 21 0.25 -2.66 -9.69
C LEU A 21 -0.61 -3.91 -9.66
N ILE A 22 -0.66 -4.60 -8.52
CA ILE A 22 -1.52 -5.76 -8.43
C ILE A 22 -2.99 -5.34 -8.53
N ASN A 23 -3.36 -4.24 -7.86
CA ASN A 23 -4.72 -3.74 -8.03
C ASN A 23 -4.97 -3.24 -9.45
N GLU A 24 -4.00 -2.53 -10.03
CA GLU A 24 -4.21 -2.06 -11.40
C GLU A 24 -4.30 -3.22 -12.38
N GLY A 25 -3.54 -4.29 -12.13
CA GLY A 25 -3.65 -5.47 -12.97
C GLY A 25 -5.02 -6.11 -12.91
N ILE A 26 -5.61 -6.18 -11.71
CA ILE A 26 -6.94 -6.78 -11.57
C ILE A 26 -7.99 -5.90 -12.23
N LYS A 27 -7.90 -4.59 -12.04
CA LYS A 27 -8.81 -3.67 -12.72
C LYS A 27 -8.75 -3.85 -14.23
N GLN A 28 -7.53 -3.91 -14.77
CA GLN A 28 -7.35 -4.05 -16.21
C GLN A 28 -8.04 -5.30 -16.76
N ARG A 29 -7.93 -6.41 -16.04
CA ARG A 29 -8.50 -7.67 -16.51
C ARG A 29 -9.99 -7.75 -16.25
N LEU A 30 -10.44 -7.32 -15.08
CA LEU A 30 -11.82 -7.52 -14.65
C LEU A 30 -12.71 -6.31 -14.92
N GLY A 31 -12.14 -5.12 -15.02
CA GLY A 31 -12.89 -3.92 -15.32
C GLY A 31 -13.70 -3.41 -14.14
N GLY A 32 -14.27 -2.23 -14.34
CA GLY A 32 -15.16 -1.64 -13.36
C GLY A 32 -14.42 -1.28 -12.08
N LEU A 33 -15.08 -1.52 -10.94
CA LEU A 33 -14.47 -1.27 -9.63
C LEU A 33 -13.78 -2.50 -9.03
N HIS A 34 -13.60 -3.58 -9.78
CA HIS A 34 -12.92 -4.75 -9.23
C HIS A 34 -11.51 -4.37 -8.79
N SER A 35 -11.10 -4.93 -7.64
CA SER A 35 -9.75 -4.76 -7.09
C SER A 35 -9.24 -6.10 -6.59
N ALA A 36 -7.96 -6.16 -6.24
CA ALA A 36 -7.36 -7.45 -5.91
C ALA A 36 -7.71 -7.89 -4.49
N GLN A 37 -7.80 -9.20 -4.30
CA GLN A 37 -7.94 -9.79 -2.97
C GLN A 37 -6.54 -10.01 -2.42
N VAL A 38 -6.15 -9.21 -1.44
CA VAL A 38 -4.77 -9.16 -0.96
C VAL A 38 -4.76 -9.34 0.56
N LEU A 39 -3.88 -10.23 1.04
CA LEU A 39 -3.48 -10.26 2.45
C LEU A 39 -2.01 -9.87 2.52
N LEU A 40 -1.69 -8.82 3.27
CA LEU A 40 -0.32 -8.31 3.34
C LEU A 40 0.18 -8.37 4.79
N HIS A 41 1.33 -8.98 4.98
CA HIS A 41 2.04 -8.92 6.26
C HIS A 41 3.25 -8.02 6.05
N SER A 42 3.20 -6.83 6.62
CA SER A 42 4.30 -5.89 6.54
C SER A 42 5.11 -6.00 7.82
N VAL A 43 6.41 -6.27 7.68
CA VAL A 43 7.27 -6.49 8.84
C VAL A 43 7.93 -5.19 9.25
N ASP A 44 8.55 -5.18 10.44
CA ASP A 44 9.41 -4.07 10.85
C ASP A 44 10.76 -4.30 10.19
N PHE A 45 11.07 -3.47 9.19
CA PHE A 45 12.28 -3.67 8.42
C PHE A 45 13.54 -3.55 9.26
N HIS A 46 13.48 -2.88 10.41
CA HIS A 46 14.69 -2.71 11.22
C HIS A 46 15.30 -4.05 11.58
N GLU A 47 14.46 -4.97 12.05
CA GLU A 47 14.97 -6.29 12.47
C GLU A 47 15.56 -7.05 11.29
N ILE A 48 14.84 -7.06 10.17
CA ILE A 48 15.30 -7.75 8.97
C ILE A 48 16.65 -7.20 8.52
N GLU A 49 16.75 -5.87 8.38
CA GLU A 49 17.96 -5.29 7.82
C GLU A 49 19.12 -5.45 8.79
N GLU A 50 18.85 -5.41 10.09
CA GLU A 50 19.88 -5.69 11.08
C GLU A 50 20.44 -7.10 10.90
N CYS A 51 19.56 -8.10 10.75
CA CYS A 51 20.04 -9.46 10.53
C CYS A 51 20.87 -9.56 9.25
N GLN A 52 20.46 -8.88 8.18
CA GLN A 52 21.27 -8.86 6.96
C GLN A 52 22.72 -8.55 7.26
N ARG A 53 22.97 -7.42 7.95
CA ARG A 53 24.34 -6.99 8.22
C ARG A 53 25.05 -7.87 9.24
N ARG A 54 24.32 -8.56 10.12
CA ARG A 54 24.91 -9.53 11.02
C ARG A 54 25.06 -10.92 10.41
N GLY A 55 24.54 -11.13 9.21
CA GLY A 55 24.54 -12.46 8.64
C GLY A 55 23.65 -13.45 9.36
N GLU A 56 22.62 -12.97 10.06
CA GLU A 56 21.68 -13.85 10.73
C GLU A 56 20.54 -14.24 9.78
N TRP A 57 20.92 -14.91 8.70
CA TRP A 57 19.95 -15.24 7.66
C TRP A 57 18.93 -16.28 8.14
N ASP A 58 19.35 -17.20 9.00
CA ASP A 58 18.42 -18.18 9.53
C ASP A 58 17.30 -17.52 10.32
N LYS A 59 17.61 -16.45 11.04
CA LYS A 59 16.59 -15.75 11.82
C LYS A 59 15.58 -15.08 10.90
N THR A 60 16.04 -14.46 9.81
CA THR A 60 15.10 -13.86 8.87
C THR A 60 14.26 -14.92 8.17
N GLY A 61 14.83 -16.12 7.95
CA GLY A 61 14.03 -17.20 7.39
C GLY A 61 12.89 -17.60 8.31
N ASP A 62 13.16 -17.63 9.62
CA ASP A 62 12.10 -17.87 10.60
C ASP A 62 11.03 -16.80 10.52
N ILE A 63 11.44 -15.53 10.56
CA ILE A 63 10.49 -14.42 10.57
C ILE A 63 9.55 -14.52 9.38
N LEU A 64 10.11 -14.73 8.19
CA LEU A 64 9.32 -14.75 6.96
C LEU A 64 8.50 -16.02 6.80
N ALA A 65 9.02 -17.16 7.26
CA ALA A 65 8.25 -18.39 7.24
C ALA A 65 7.03 -18.29 8.14
N GLU A 66 7.21 -17.76 9.36
CA GLU A 66 6.08 -17.55 10.25
C GLU A 66 5.05 -16.60 9.63
N ALA A 67 5.53 -15.51 9.03
CA ALA A 67 4.62 -14.57 8.40
C ALA A 67 3.82 -15.23 7.29
N ALA A 68 4.48 -16.02 6.43
CA ALA A 68 3.78 -16.71 5.35
C ALA A 68 2.75 -17.68 5.90
N LEU A 69 3.11 -18.42 6.95
CA LEU A 69 2.17 -19.38 7.53
C LEU A 69 0.94 -18.68 8.12
N GLY A 70 1.12 -17.48 8.67
CA GLY A 70 -0.03 -16.74 9.18
C GLY A 70 -0.94 -16.26 8.07
N LEU A 71 -0.37 -15.86 6.94
CA LEU A 71 -1.20 -15.46 5.80
C LEU A 71 -1.93 -16.67 5.21
N GLN A 72 -1.27 -17.83 5.19
CA GLN A 72 -1.92 -19.05 4.74
C GLN A 72 -3.18 -19.32 5.53
N ARG A 73 -3.07 -19.26 6.87
CA ARG A 73 -4.21 -19.52 7.73
C ARG A 73 -5.31 -18.48 7.53
N ALA A 74 -4.95 -17.27 7.10
CA ALA A 74 -5.92 -16.21 6.83
C ALA A 74 -6.60 -16.36 5.48
N GLY A 75 -6.12 -17.25 4.61
CA GLY A 75 -6.76 -17.47 3.33
C GLY A 75 -5.91 -17.14 2.12
N ALA A 76 -4.65 -16.75 2.28
CA ALA A 76 -3.79 -16.52 1.12
C ALA A 76 -3.61 -17.82 0.36
N GLU A 77 -3.54 -17.70 -0.97
CA GLU A 77 -3.43 -18.88 -1.82
C GLU A 77 -2.10 -18.93 -2.56
N GLY A 78 -1.25 -17.90 -2.45
CA GLY A 78 0.11 -17.92 -2.97
C GLY A 78 0.90 -16.90 -2.20
N ILE A 79 2.23 -17.04 -2.25
CA ILE A 79 3.12 -16.18 -1.47
C ILE A 79 3.99 -15.35 -2.42
N VAL A 80 3.99 -14.03 -2.21
CA VAL A 80 4.83 -13.09 -2.94
C VAL A 80 5.72 -12.36 -1.93
N LEU A 81 7.04 -12.45 -2.12
CA LEU A 81 8.01 -11.82 -1.21
C LEU A 81 8.52 -10.54 -1.86
N CYS A 82 8.21 -9.39 -1.28
CA CYS A 82 8.38 -8.09 -1.93
C CYS A 82 9.79 -7.52 -1.70
N THR A 83 10.79 -8.28 -2.12
CA THR A 83 12.19 -7.93 -1.88
C THR A 83 13.10 -8.92 -2.57
N ASN A 84 14.08 -8.42 -3.33
CA ASN A 84 15.03 -9.32 -4.00
C ASN A 84 15.98 -9.94 -2.99
N THR A 85 16.52 -9.14 -2.07
CA THR A 85 17.55 -9.65 -1.15
C THR A 85 17.02 -10.83 -0.36
N MET A 86 15.78 -10.74 0.13
CA MET A 86 15.34 -11.80 1.03
C MET A 86 14.99 -13.09 0.31
N HIS A 87 15.11 -13.15 -1.02
CA HIS A 87 15.00 -14.47 -1.61
C HIS A 87 16.23 -15.32 -1.32
N LYS A 88 17.24 -14.76 -0.67
CA LYS A 88 18.33 -15.57 -0.11
C LYS A 88 17.79 -16.64 0.83
N VAL A 89 16.64 -16.40 1.48
CA VAL A 89 16.06 -17.38 2.38
C VAL A 89 14.69 -17.85 1.88
N ALA A 90 14.47 -17.78 0.56
CA ALA A 90 13.20 -18.26 0.01
C ALA A 90 13.01 -19.74 0.30
N ASP A 91 14.10 -20.51 0.32
CA ASP A 91 14.02 -21.94 0.60
C ASP A 91 13.29 -22.22 1.90
N ALA A 92 13.54 -21.39 2.93
CA ALA A 92 12.88 -21.61 4.22
C ALA A 92 11.37 -21.43 4.10
N ILE A 93 10.94 -20.39 3.38
CA ILE A 93 9.51 -20.15 3.20
C ILE A 93 8.87 -21.26 2.38
N GLU A 94 9.50 -21.62 1.25
CA GLU A 94 8.96 -22.67 0.39
C GLU A 94 8.96 -24.02 1.09
N SER A 95 9.86 -24.23 2.06
CA SER A 95 9.95 -25.52 2.73
C SER A 95 8.97 -25.65 3.90
N ARG A 96 8.67 -24.55 4.57
CA ARG A 96 7.82 -24.61 5.76
C ARG A 96 6.38 -24.18 5.50
N CYS A 97 6.09 -23.63 4.33
CA CYS A 97 4.74 -23.22 3.95
C CYS A 97 4.39 -23.88 2.63
N THR A 98 3.26 -24.58 2.58
CA THR A 98 2.90 -25.36 1.41
C THR A 98 2.29 -24.52 0.29
N LEU A 99 2.09 -23.22 0.49
CA LEU A 99 1.52 -22.41 -0.55
C LEU A 99 2.48 -22.27 -1.73
N PRO A 100 1.95 -22.16 -2.95
CA PRO A 100 2.80 -21.79 -4.09
C PRO A 100 3.55 -20.51 -3.79
N PHE A 101 4.84 -20.53 -4.08
CA PHE A 101 5.75 -19.42 -3.82
C PHE A 101 6.19 -18.86 -5.16
N LEU A 102 5.83 -17.61 -5.44
CA LEU A 102 6.10 -16.98 -6.72
C LEU A 102 7.45 -16.28 -6.62
N HIS A 103 8.50 -17.01 -7.00
CA HIS A 103 9.87 -16.54 -6.83
C HIS A 103 10.18 -15.37 -7.75
N ILE A 104 10.66 -14.27 -7.16
CA ILE A 104 10.91 -13.06 -7.93
C ILE A 104 11.90 -13.29 -9.07
N ALA A 105 12.87 -14.20 -8.88
CA ALA A 105 13.90 -14.35 -9.90
C ALA A 105 13.39 -15.14 -11.09
N ASP A 106 12.39 -16.01 -10.88
CA ASP A 106 11.72 -16.69 -11.99
C ASP A 106 10.91 -15.71 -12.84
N ALA A 107 10.17 -14.80 -12.20
CA ALA A 107 9.40 -13.82 -12.98
C ALA A 107 10.33 -12.89 -13.75
N THR A 108 11.44 -12.49 -13.12
CA THR A 108 12.44 -11.66 -13.80
C THR A 108 13.12 -12.43 -14.93
N GLY A 109 13.42 -13.72 -14.71
CA GLY A 109 14.10 -14.47 -15.74
C GLY A 109 13.22 -14.73 -16.94
N ARG A 110 11.92 -14.93 -16.72
CA ARG A 110 11.01 -15.09 -17.84
C ARG A 110 10.87 -13.80 -18.63
N ALA A 111 10.91 -12.65 -17.94
CA ALA A 111 10.82 -11.37 -18.64
C ALA A 111 12.04 -11.15 -19.52
N ILE A 112 13.24 -11.40 -18.98
CA ILE A 112 14.46 -11.23 -19.75
C ILE A 112 14.51 -12.23 -20.90
N THR A 113 14.13 -13.48 -20.62
CA THR A 113 14.01 -14.50 -21.66
C THR A 113 13.10 -14.01 -22.79
N GLY A 114 11.96 -13.42 -22.44
CA GLY A 114 11.02 -12.95 -23.45
C GLY A 114 11.62 -11.87 -24.34
N ALA A 115 12.51 -11.04 -23.80
CA ALA A 115 13.19 -10.02 -24.57
C ALA A 115 14.41 -10.57 -25.31
N GLY A 116 14.66 -11.87 -25.21
CA GLY A 116 15.74 -12.48 -25.96
C GLY A 116 17.14 -12.16 -25.50
N MET A 117 17.32 -11.84 -24.22
CA MET A 117 18.60 -11.38 -23.69
C MET A 117 19.25 -12.43 -22.79
N THR A 118 20.58 -12.52 -22.87
CA THR A 118 21.33 -13.42 -22.00
C THR A 118 22.44 -12.73 -21.22
N ARG A 119 22.72 -11.45 -21.47
CA ARG A 119 23.78 -10.72 -20.79
C ARG A 119 23.21 -9.38 -20.36
N VAL A 120 22.97 -9.22 -19.05
CA VAL A 120 22.33 -8.02 -18.55
C VAL A 120 23.09 -7.48 -17.35
N ALA A 121 22.93 -6.19 -17.10
CA ALA A 121 23.44 -5.55 -15.91
C ALA A 121 22.52 -5.82 -14.73
N LEU A 122 23.10 -5.87 -13.53
CA LEU A 122 22.34 -6.12 -12.31
C LEU A 122 22.69 -5.07 -11.28
N LEU A 123 21.68 -4.31 -10.84
CA LEU A 123 21.79 -3.42 -9.70
C LEU A 123 20.93 -3.96 -8.57
N GLY A 124 21.39 -3.82 -7.34
CA GLY A 124 20.63 -4.25 -6.20
C GLY A 124 21.41 -3.95 -4.93
N THR A 125 21.06 -4.65 -3.85
CA THR A 125 21.88 -4.56 -2.66
C THR A 125 23.21 -5.23 -2.91
N ARG A 126 24.18 -4.95 -2.05
CA ARG A 126 25.46 -5.62 -2.18
C ARG A 126 25.30 -7.13 -2.12
N TYR A 127 24.34 -7.61 -1.30
CA TYR A 127 24.09 -9.03 -1.20
C TYR A 127 23.63 -9.62 -2.52
N THR A 128 22.63 -9.00 -3.15
CA THR A 128 22.08 -9.52 -4.38
C THR A 128 23.08 -9.47 -5.52
N MET A 129 23.89 -8.42 -5.60
CA MET A 129 24.85 -8.28 -6.68
C MET A 129 26.02 -9.26 -6.51
N GLU A 130 26.51 -9.43 -5.27
CA GLU A 130 27.81 -10.08 -5.09
C GLU A 130 27.70 -11.57 -4.83
N GLN A 131 26.58 -12.03 -4.29
CA GLN A 131 26.46 -13.42 -3.87
C GLN A 131 25.85 -14.25 -4.99
N ASP A 132 25.60 -15.53 -4.70
CA ASP A 132 25.18 -16.48 -5.71
C ASP A 132 23.69 -16.76 -5.73
N PHE A 133 22.94 -16.43 -4.67
CA PHE A 133 21.57 -16.91 -4.54
C PHE A 133 20.67 -16.39 -5.66
N TYR A 134 20.86 -15.14 -6.08
CA TYR A 134 20.04 -14.56 -7.13
C TYR A 134 20.63 -14.88 -8.50
N ARG A 135 21.90 -14.50 -8.71
CA ARG A 135 22.55 -14.66 -10.01
C ARG A 135 22.65 -16.13 -10.41
N GLY A 136 22.87 -17.01 -9.43
CA GLY A 136 22.98 -18.44 -9.71
C GLY A 136 21.69 -19.04 -10.23
N ARG A 137 20.54 -18.56 -9.73
CA ARG A 137 19.26 -19.05 -10.25
C ARG A 137 19.03 -18.57 -11.68
N LEU A 138 19.36 -17.31 -11.95
CA LEU A 138 19.23 -16.80 -13.32
C LEU A 138 20.14 -17.57 -14.26
N THR A 139 21.30 -17.99 -13.79
CA THR A 139 22.22 -18.73 -14.64
C THR A 139 21.73 -20.14 -14.89
N GLU A 140 21.32 -20.83 -13.82
CA GLU A 140 21.00 -22.25 -13.96
C GLU A 140 19.66 -22.45 -14.65
N GLN A 141 18.69 -21.60 -14.36
CA GLN A 141 17.34 -21.82 -14.88
C GLN A 141 17.09 -21.10 -16.21
N PHE A 142 17.81 -20.01 -16.51
CA PHE A 142 17.57 -19.26 -17.74
C PHE A 142 18.79 -19.02 -18.60
N SER A 143 19.98 -19.46 -18.18
CA SER A 143 21.22 -19.18 -18.92
C SER A 143 21.42 -17.68 -19.11
N ILE A 144 21.05 -16.90 -18.09
CA ILE A 144 21.20 -15.45 -18.11
C ILE A 144 22.40 -15.07 -17.26
N ASN A 145 23.31 -14.28 -17.84
CA ASN A 145 24.49 -13.81 -17.15
C ASN A 145 24.34 -12.34 -16.76
N CYS A 146 24.76 -12.01 -15.54
CA CYS A 146 24.64 -10.65 -15.01
C CYS A 146 26.01 -9.97 -14.92
N LEU A 147 26.05 -8.69 -15.27
CA LEU A 147 27.21 -7.82 -15.07
C LEU A 147 26.92 -6.88 -13.91
N ILE A 148 27.84 -6.79 -12.97
CA ILE A 148 27.64 -6.00 -11.77
C ILE A 148 28.67 -4.87 -11.74
N PRO A 149 28.38 -3.78 -11.03
CA PRO A 149 29.31 -2.66 -11.00
C PRO A 149 30.59 -2.99 -10.24
N GLU A 150 31.56 -2.09 -10.38
CA GLU A 150 32.83 -2.24 -9.67
C GLU A 150 32.62 -2.07 -8.17
N ALA A 151 33.63 -2.46 -7.39
CA ALA A 151 33.47 -2.51 -5.93
C ALA A 151 33.05 -1.16 -5.35
N ASP A 152 33.73 -0.08 -5.75
CA ASP A 152 33.40 1.23 -5.21
C ASP A 152 32.00 1.66 -5.60
N GLU A 153 31.61 1.34 -6.83
CA GLU A 153 30.25 1.61 -7.27
C GLU A 153 29.23 0.81 -6.47
N ARG A 154 29.53 -0.46 -6.17
CA ARG A 154 28.56 -1.28 -5.44
C ARG A 154 28.32 -0.71 -4.04
N ALA A 155 29.39 -0.27 -3.38
CA ALA A 155 29.25 0.28 -2.04
C ALA A 155 28.35 1.51 -2.02
N LYS A 156 28.46 2.37 -3.04
CA LYS A 156 27.63 3.58 -3.06
C LYS A 156 26.20 3.25 -3.49
N ILE A 157 26.04 2.35 -4.46
CA ILE A 157 24.71 1.87 -4.84
C ILE A 157 23.98 1.31 -3.64
N ASN A 158 24.68 0.48 -2.85
CA ASN A 158 24.12 -0.10 -1.63
C ASN A 158 23.82 0.97 -0.59
N GLN A 159 24.73 1.93 -0.42
CA GLN A 159 24.49 2.99 0.55
C GLN A 159 23.24 3.80 0.22
N ILE A 160 23.04 4.09 -1.07
CA ILE A 160 21.86 4.87 -1.48
C ILE A 160 20.57 4.11 -1.16
N ILE A 161 20.54 2.81 -1.45
CA ILE A 161 19.36 1.99 -1.17
C ILE A 161 18.99 2.09 0.32
N PHE A 162 19.97 1.96 1.21
CA PHE A 162 19.60 1.84 2.61
C PHE A 162 19.54 3.18 3.34
N GLU A 163 20.37 4.15 2.93
CA GLU A 163 20.43 5.44 3.58
C GLU A 163 19.50 6.48 2.95
N GLU A 164 18.95 6.22 1.76
CA GLU A 164 18.11 7.19 1.09
C GLU A 164 16.80 6.54 0.63
N LEU A 165 16.89 5.53 -0.24
CA LEU A 165 15.69 4.97 -0.88
C LEU A 165 14.72 4.42 0.15
N CYS A 166 15.22 3.60 1.07
CA CYS A 166 14.36 2.99 2.10
C CYS A 166 13.87 4.00 3.13
N LEU A 167 14.35 5.24 3.09
CA LEU A 167 13.84 6.32 3.93
C LEU A 167 13.05 7.35 3.14
N GLY A 168 12.69 7.05 1.89
CA GLY A 168 11.85 7.95 1.13
C GLY A 168 12.53 9.17 0.58
N GLN A 169 13.84 9.14 0.42
CA GLN A 169 14.58 10.26 -0.15
C GLN A 169 15.08 9.89 -1.54
N PHE A 170 14.63 10.62 -2.55
CA PHE A 170 15.01 10.39 -3.94
C PHE A 170 15.64 11.65 -4.48
N THR A 171 16.98 11.69 -4.47
CA THR A 171 17.72 12.86 -4.91
C THR A 171 18.19 12.69 -6.36
N GLU A 172 18.30 13.82 -7.05
CA GLU A 172 18.80 13.81 -8.41
C GLU A 172 20.26 13.42 -8.46
N ALA A 173 21.01 13.76 -7.40
CA ALA A 173 22.41 13.34 -7.34
C ALA A 173 22.52 11.82 -7.39
N SER A 174 21.69 11.12 -6.61
CA SER A 174 21.70 9.66 -6.64
C SER A 174 21.09 9.14 -7.93
N ARG A 175 20.03 9.79 -8.42
CA ARG A 175 19.42 9.39 -9.69
C ARG A 175 20.44 9.47 -10.82
N ALA A 176 21.18 10.58 -10.89
CA ALA A 176 22.20 10.73 -11.92
C ALA A 176 23.37 9.77 -11.74
N TYR A 177 23.69 9.40 -10.49
CA TYR A 177 24.75 8.44 -10.28
C TYR A 177 24.34 7.04 -10.77
N TYR A 178 23.11 6.63 -10.47
CA TYR A 178 22.62 5.35 -10.97
C TYR A 178 22.62 5.33 -12.50
N ALA A 179 22.16 6.41 -13.14
CA ALA A 179 22.18 6.48 -14.59
C ALA A 179 23.60 6.35 -15.11
N GLN A 180 24.56 6.93 -14.41
CA GLN A 180 25.97 6.85 -14.82
C GLN A 180 26.48 5.41 -14.75
N VAL A 181 26.15 4.69 -13.68
CA VAL A 181 26.60 3.31 -13.55
C VAL A 181 25.98 2.45 -14.64
N ILE A 182 24.68 2.63 -14.88
CA ILE A 182 24.01 1.90 -15.96
C ILE A 182 24.75 2.12 -17.27
N ALA A 183 25.10 3.37 -17.56
CA ALA A 183 25.75 3.67 -18.82
C ALA A 183 27.11 3.00 -18.94
N ARG A 184 27.79 2.78 -17.82
CA ARG A 184 29.10 2.12 -17.87
C ARG A 184 28.96 0.63 -18.15
N LEU A 185 27.93 0.00 -17.58
CA LEU A 185 27.68 -1.41 -17.85
C LEU A 185 27.18 -1.61 -19.28
N ALA A 186 26.53 -0.59 -19.85
CA ALA A 186 26.15 -0.64 -21.26
C ALA A 186 27.37 -0.79 -22.15
N GLU A 187 28.48 -0.12 -21.81
CA GLU A 187 29.70 -0.24 -22.59
C GLU A 187 30.43 -1.56 -22.38
N GLN A 188 30.02 -2.36 -21.40
CA GLN A 188 30.49 -3.74 -21.28
C GLN A 188 29.61 -4.72 -22.03
N GLY A 189 28.67 -4.23 -22.82
CA GLY A 189 27.81 -5.10 -23.61
C GLY A 189 26.55 -5.59 -22.92
N ALA A 190 26.17 -5.00 -21.79
CA ALA A 190 24.91 -5.37 -21.18
C ALA A 190 23.76 -5.04 -22.14
N GLN A 191 22.81 -5.96 -22.26
CA GLN A 191 21.68 -5.79 -23.15
C GLN A 191 20.48 -5.17 -22.46
N GLY A 192 20.42 -5.27 -21.13
CA GLY A 192 19.34 -4.76 -20.32
C GLY A 192 19.86 -4.66 -18.91
N VAL A 193 19.14 -3.94 -18.05
CA VAL A 193 19.52 -3.77 -16.64
C VAL A 193 18.38 -4.26 -15.78
N ILE A 194 18.71 -5.09 -14.81
CA ILE A 194 17.77 -5.52 -13.79
C ILE A 194 17.81 -4.48 -12.68
N PHE A 195 16.67 -3.86 -12.39
CA PHE A 195 16.51 -3.11 -11.15
C PHE A 195 16.23 -4.17 -10.10
N GLY A 196 17.31 -4.75 -9.58
CA GLY A 196 17.22 -5.90 -8.71
C GLY A 196 17.15 -5.54 -7.24
N CYS A 197 16.75 -4.30 -6.96
CA CYS A 197 16.28 -3.88 -5.66
C CYS A 197 14.94 -3.21 -5.88
N THR A 198 13.92 -3.64 -5.12
CA THR A 198 12.55 -3.23 -5.40
C THR A 198 12.33 -1.72 -5.27
N GLU A 199 13.26 -1.00 -4.62
CA GLU A 199 13.14 0.45 -4.52
C GLU A 199 13.77 1.21 -5.69
N ILE A 200 14.65 0.58 -6.49
CA ILE A 200 15.36 1.36 -7.49
C ILE A 200 14.38 2.00 -8.47
N GLY A 201 13.32 1.28 -8.83
CA GLY A 201 12.30 1.85 -9.70
C GLY A 201 11.70 3.14 -9.18
N LEU A 202 11.67 3.32 -7.85
CA LEU A 202 11.18 4.56 -7.26
C LEU A 202 12.13 5.74 -7.50
N LEU A 203 13.41 5.46 -7.76
CA LEU A 203 14.41 6.50 -8.00
C LEU A 203 14.65 6.79 -9.48
N VAL A 204 14.71 5.75 -10.32
CA VAL A 204 15.21 5.85 -11.69
C VAL A 204 14.05 5.58 -12.64
N PRO A 205 13.52 6.60 -13.30
CA PRO A 205 12.54 6.35 -14.37
C PRO A 205 13.22 5.71 -15.57
N GLU A 206 12.41 5.06 -16.41
CA GLU A 206 12.99 4.26 -17.50
C GLU A 206 13.71 5.15 -18.52
N GLU A 207 13.29 6.40 -18.69
CA GLU A 207 13.96 7.29 -19.63
C GLU A 207 15.28 7.84 -19.10
N ARG A 208 15.66 7.51 -17.86
CA ARG A 208 16.98 7.85 -17.35
C ARG A 208 17.99 6.71 -17.54
N SER A 209 17.54 5.54 -17.98
CA SER A 209 18.41 4.40 -18.20
C SER A 209 18.67 4.28 -19.70
N VAL A 210 19.95 4.36 -20.09
CA VAL A 210 20.31 4.20 -21.49
C VAL A 210 20.02 2.80 -22.01
N LEU A 211 19.65 1.88 -21.14
CA LEU A 211 19.38 0.51 -21.53
C LEU A 211 17.99 0.06 -21.08
N PRO A 212 17.39 -0.92 -21.78
CA PRO A 212 16.05 -1.37 -21.41
C PRO A 212 16.01 -1.89 -19.98
N VAL A 213 14.95 -1.50 -19.26
CA VAL A 213 14.84 -1.69 -17.81
C VAL A 213 13.95 -2.88 -17.51
N PHE A 214 14.42 -3.77 -16.64
CA PHE A 214 13.61 -4.83 -16.04
C PHE A 214 13.40 -4.48 -14.57
N ASP A 215 12.20 -3.96 -14.27
CA ASP A 215 11.87 -3.56 -12.90
C ASP A 215 11.28 -4.76 -12.18
N THR A 216 12.07 -5.35 -11.27
CA THR A 216 11.67 -6.58 -10.60
C THR A 216 10.33 -6.42 -9.87
N ALA A 217 10.08 -5.25 -9.28
CA ALA A 217 8.81 -5.10 -8.56
C ALA A 217 7.62 -5.11 -9.51
N ALA A 218 7.73 -4.41 -10.64
CA ALA A 218 6.65 -4.42 -11.64
C ALA A 218 6.43 -5.81 -12.20
N ILE A 219 7.52 -6.48 -12.57
CA ILE A 219 7.47 -7.82 -13.15
C ILE A 219 6.89 -8.83 -12.17
N HIS A 220 7.35 -8.76 -10.92
CA HIS A 220 6.82 -9.63 -9.86
C HIS A 220 5.31 -9.40 -9.66
N ALA A 221 4.88 -8.14 -9.70
CA ALA A 221 3.48 -7.86 -9.48
C ALA A 221 2.62 -8.40 -10.62
N GLU A 222 3.13 -8.31 -11.85
CA GLU A 222 2.38 -8.85 -12.99
C GLU A 222 2.30 -10.36 -12.92
N ASP A 223 3.38 -11.00 -12.47
CA ASP A 223 3.36 -12.43 -12.21
C ASP A 223 2.35 -12.79 -11.14
N ALA A 224 2.24 -11.97 -10.08
CA ALA A 224 1.20 -12.16 -9.09
C ALA A 224 -0.19 -12.13 -9.71
N VAL A 225 -0.44 -11.10 -10.53
CA VAL A 225 -1.76 -10.96 -11.16
C VAL A 225 -2.07 -12.20 -11.99
N ALA A 226 -1.11 -12.65 -12.81
CA ALA A 226 -1.36 -13.81 -13.66
C ALA A 226 -1.69 -15.05 -12.83
N PHE A 227 -1.04 -15.20 -11.67
CA PHE A 227 -1.39 -16.30 -10.77
C PHE A 227 -2.80 -16.14 -10.21
N MET A 228 -3.17 -14.92 -9.81
CA MET A 228 -4.46 -14.72 -9.17
C MET A 228 -5.61 -15.04 -10.13
N LEU A 229 -5.40 -14.83 -11.42
CA LEU A 229 -6.42 -15.05 -12.43
C LEU A 229 -6.17 -16.32 -13.25
N SER A 230 -5.15 -17.10 -12.90
CA SER A 230 -4.80 -18.33 -13.61
C SER A 230 -4.48 -18.06 -15.09
N LEU A 231 -3.71 -17.01 -15.34
CA LEU A 231 -3.34 -16.58 -16.68
C LEU A 231 -1.85 -16.74 -16.91
N GLU A 232 -1.45 -16.47 -18.16
CA GLU A 232 -0.05 -16.32 -18.55
C GLU A 232 0.87 -17.39 -18.00
N MET B 1 5.63 -2.53 19.61
CA MET B 1 4.46 -1.92 18.99
C MET B 1 3.37 -2.95 18.82
N LYS B 2 2.10 -2.52 18.88
CA LYS B 2 1.01 -3.40 18.51
C LYS B 2 0.92 -3.47 17.00
N THR B 3 0.72 -4.68 16.49
CA THR B 3 0.51 -4.81 15.06
C THR B 3 -0.90 -4.33 14.74
N ILE B 4 -1.05 -3.56 13.69
CA ILE B 4 -2.38 -3.04 13.35
C ILE B 4 -2.98 -3.89 12.22
N GLY B 5 -4.30 -4.03 12.26
CA GLY B 5 -4.98 -4.74 11.19
C GLY B 5 -5.82 -3.78 10.37
N LEU B 6 -5.58 -3.72 9.07
CA LEU B 6 -6.29 -2.79 8.20
C LEU B 6 -7.30 -3.55 7.36
N LEU B 7 -8.53 -3.05 7.33
CA LEU B 7 -9.53 -3.49 6.35
C LEU B 7 -9.53 -2.46 5.23
N GLY B 8 -8.91 -2.81 4.11
CA GLY B 8 -8.68 -1.84 3.04
C GLY B 8 -9.22 -2.26 1.68
N GLY B 9 -8.80 -1.53 0.64
CA GLY B 9 -9.31 -1.73 -0.70
C GLY B 9 -10.70 -1.16 -0.91
N MET B 10 -11.10 -0.15 -0.14
CA MET B 10 -12.40 0.53 -0.31
C MET B 10 -12.27 2.02 -0.45
N SER B 11 -11.60 2.48 -1.47
CA SER B 11 -10.98 1.64 -2.49
C SER B 11 -9.49 1.50 -2.19
N TRP B 12 -8.80 0.68 -2.98
CA TRP B 12 -7.36 0.49 -2.76
C TRP B 12 -6.60 1.78 -2.90
N GLU B 13 -7.13 2.73 -3.66
CA GLU B 13 -6.41 3.97 -3.86
C GLU B 13 -6.32 4.80 -2.59
N SER B 14 -7.32 4.71 -1.71
CA SER B 14 -7.24 5.37 -0.42
C SER B 14 -6.58 4.49 0.63
N THR B 15 -6.43 3.18 0.37
CA THR B 15 -5.67 2.34 1.29
C THR B 15 -4.19 2.73 1.29
N ILE B 16 -3.66 3.14 0.14
CA ILE B 16 -2.23 3.47 0.06
C ILE B 16 -1.86 4.60 1.02
N PRO B 17 -2.57 5.74 1.06
CA PRO B 17 -2.25 6.78 2.08
C PRO B 17 -2.23 6.25 3.50
N TYR B 18 -3.13 5.33 3.85
CA TYR B 18 -3.07 4.73 5.18
C TYR B 18 -1.73 4.04 5.40
N TYR B 19 -1.35 3.17 4.47
CA TYR B 19 -0.11 2.40 4.62
C TYR B 19 1.09 3.32 4.67
N ARG B 20 1.10 4.36 3.83
CA ARG B 20 2.21 5.30 3.84
C ARG B 20 2.31 6.04 5.18
N LEU B 21 1.21 6.63 5.62
CA LEU B 21 1.21 7.51 6.80
C LEU B 21 1.45 6.73 8.08
N ILE B 22 0.95 5.50 8.17
CA ILE B 22 1.23 4.67 9.34
C ILE B 22 2.71 4.33 9.42
N ASN B 23 3.30 3.97 8.28
CA ASN B 23 4.73 3.70 8.25
C ASN B 23 5.54 4.94 8.58
N GLU B 24 5.16 6.08 8.01
CA GLU B 24 5.92 7.31 8.27
C GLU B 24 5.82 7.71 9.73
N GLY B 25 4.65 7.51 10.35
CA GLY B 25 4.51 7.80 11.76
C GLY B 25 5.37 6.92 12.65
N ILE B 26 5.49 5.63 12.30
CA ILE B 26 6.36 4.74 13.05
C ILE B 26 7.82 5.16 12.89
N LYS B 27 8.22 5.48 11.66
CA LYS B 27 9.59 5.88 11.41
C LYS B 27 9.96 7.12 12.20
N GLN B 28 9.08 8.13 12.18
CA GLN B 28 9.31 9.36 12.94
C GLN B 28 9.54 9.07 14.41
N ARG B 29 8.86 8.07 14.92
CA ARG B 29 8.82 7.79 16.34
C ARG B 29 9.92 6.85 16.82
N LEU B 30 10.21 5.80 16.05
CA LEU B 30 11.25 4.88 16.45
C LEU B 30 12.59 5.18 15.78
N GLY B 31 12.59 5.91 14.67
CA GLY B 31 13.81 6.29 13.99
C GLY B 31 14.38 5.16 13.15
N GLY B 32 15.46 5.49 12.44
CA GLY B 32 16.18 4.49 11.68
C GLY B 32 15.34 3.90 10.58
N LEU B 33 15.50 2.59 10.37
CA LEU B 33 14.74 1.85 9.38
C LEU B 33 13.49 1.19 9.97
N HIS B 34 13.06 1.60 11.17
CA HIS B 34 11.89 0.99 11.78
C HIS B 34 10.66 1.23 10.93
N SER B 35 9.86 0.18 10.77
CA SER B 35 8.68 0.23 9.93
C SER B 35 7.49 -0.36 10.69
N ALA B 36 6.27 -0.01 10.26
CA ALA B 36 5.07 -0.41 11.00
C ALA B 36 4.78 -1.90 10.83
N GLN B 37 4.31 -2.53 11.91
CA GLN B 37 3.83 -3.92 11.84
C GLN B 37 2.37 -3.89 11.40
N VAL B 38 2.11 -4.35 10.18
CA VAL B 38 0.80 -4.20 9.56
C VAL B 38 0.34 -5.53 8.98
N LEU B 39 -0.93 -5.87 9.25
CA LEU B 39 -1.65 -6.93 8.53
C LEU B 39 -2.81 -6.27 7.81
N LEU B 40 -2.85 -6.38 6.48
CA LEU B 40 -3.88 -5.74 5.69
C LEU B 40 -4.71 -6.80 4.98
N HIS B 41 -6.03 -6.67 5.08
CA HIS B 41 -6.97 -7.44 4.28
C HIS B 41 -7.59 -6.47 3.28
N SER B 42 -7.24 -6.61 2.02
CA SER B 42 -7.79 -5.78 0.95
C SER B 42 -8.86 -6.59 0.21
N VAL B 43 -10.10 -6.12 0.22
CA VAL B 43 -11.18 -6.89 -0.42
C VAL B 43 -11.31 -6.46 -1.87
N ASP B 44 -12.10 -7.20 -2.64
CA ASP B 44 -12.53 -6.76 -3.98
C ASP B 44 -13.66 -5.77 -3.80
N PHE B 45 -13.37 -4.49 -4.07
CA PHE B 45 -14.32 -3.41 -3.83
C PHE B 45 -15.59 -3.53 -4.66
N HIS B 46 -15.54 -4.23 -5.79
CA HIS B 46 -16.73 -4.33 -6.61
C HIS B 46 -17.90 -4.89 -5.80
N GLU B 47 -17.69 -6.00 -5.10
CA GLU B 47 -18.77 -6.62 -4.33
C GLU B 47 -19.29 -5.69 -3.24
N ILE B 48 -18.39 -4.96 -2.58
CA ILE B 48 -18.79 -4.05 -1.52
C ILE B 48 -19.63 -2.91 -2.08
N GLU B 49 -19.15 -2.30 -3.17
CA GLU B 49 -19.80 -1.11 -3.69
C GLU B 49 -21.16 -1.44 -4.29
N GLU B 50 -21.27 -2.60 -4.93
CA GLU B 50 -22.58 -3.04 -5.41
C GLU B 50 -23.55 -3.21 -4.25
N CYS B 51 -23.09 -3.80 -3.14
CA CYS B 51 -23.93 -3.97 -1.96
C CYS B 51 -24.45 -2.63 -1.45
N GLN B 52 -23.59 -1.60 -1.42
CA GLN B 52 -24.04 -0.27 -1.02
C GLN B 52 -25.23 0.17 -1.87
N ARG B 53 -25.09 0.09 -3.19
CA ARG B 53 -26.17 0.51 -4.07
C ARG B 53 -27.42 -0.34 -3.92
N ARG B 54 -27.26 -1.64 -3.63
CA ARG B 54 -28.41 -2.50 -3.40
C ARG B 54 -28.97 -2.39 -1.99
N GLY B 55 -28.28 -1.71 -1.07
CA GLY B 55 -28.72 -1.68 0.30
C GLY B 55 -28.51 -2.97 1.05
N GLU B 56 -27.63 -3.84 0.56
CA GLU B 56 -27.28 -5.09 1.24
C GLU B 56 -26.20 -4.85 2.29
N TRP B 57 -26.56 -4.08 3.31
CA TRP B 57 -25.55 -3.65 4.28
C TRP B 57 -25.13 -4.81 5.18
N ASP B 58 -26.09 -5.63 5.63
CA ASP B 58 -25.77 -6.79 6.45
C ASP B 58 -24.73 -7.69 5.81
N LYS B 59 -24.81 -7.86 4.48
CA LYS B 59 -23.85 -8.72 3.79
C LYS B 59 -22.44 -8.18 3.90
N THR B 60 -22.27 -6.86 3.76
CA THR B 60 -20.95 -6.26 3.92
C THR B 60 -20.48 -6.36 5.37
N GLY B 61 -21.41 -6.27 6.33
CA GLY B 61 -21.05 -6.49 7.72
C GLY B 61 -20.43 -7.85 7.94
N ASP B 62 -21.00 -8.90 7.32
CA ASP B 62 -20.41 -10.24 7.43
C ASP B 62 -19.03 -10.27 6.81
N ILE B 63 -18.90 -9.76 5.58
CA ILE B 63 -17.61 -9.73 4.88
C ILE B 63 -16.54 -9.07 5.74
N LEU B 64 -16.86 -7.91 6.30
CA LEU B 64 -15.86 -7.14 7.04
C LEU B 64 -15.58 -7.75 8.40
N ALA B 65 -16.62 -8.29 9.06
CA ALA B 65 -16.40 -8.95 10.34
C ALA B 65 -15.54 -10.21 10.18
N GLU B 66 -15.84 -11.01 9.15
CA GLU B 66 -15.01 -12.17 8.86
C GLU B 66 -13.58 -11.75 8.56
N ALA B 67 -13.40 -10.67 7.81
CA ALA B 67 -12.05 -10.21 7.50
C ALA B 67 -11.31 -9.80 8.78
N ALA B 68 -11.98 -9.04 9.65
CA ALA B 68 -11.40 -8.63 10.92
C ALA B 68 -11.00 -9.84 11.75
N LEU B 69 -11.86 -10.87 11.79
CA LEU B 69 -11.56 -12.05 12.58
C LEU B 69 -10.35 -12.80 12.04
N GLY B 70 -10.21 -12.86 10.71
CA GLY B 70 -9.04 -13.48 10.13
C GLY B 70 -7.76 -12.75 10.49
N LEU B 71 -7.82 -11.42 10.56
CA LEU B 71 -6.63 -10.65 10.89
C LEU B 71 -6.28 -10.81 12.37
N GLN B 72 -7.28 -10.77 13.24
CA GLN B 72 -7.05 -11.05 14.66
C GLN B 72 -6.31 -12.37 14.84
N ARG B 73 -6.76 -13.41 14.13
CA ARG B 73 -6.15 -14.71 14.35
C ARG B 73 -4.75 -14.79 13.71
N ALA B 74 -4.45 -13.94 12.73
CA ALA B 74 -3.09 -13.82 12.23
C ALA B 74 -2.21 -12.92 13.10
N GLY B 75 -2.77 -12.30 14.14
CA GLY B 75 -1.94 -11.54 15.06
C GLY B 75 -2.31 -10.08 15.19
N ALA B 76 -3.41 -9.68 14.55
CA ALA B 76 -3.89 -8.31 14.66
C ALA B 76 -4.22 -7.97 16.11
N GLU B 77 -3.85 -6.74 16.53
CA GLU B 77 -4.14 -6.28 17.88
C GLU B 77 -5.15 -5.14 17.92
N GLY B 78 -5.51 -4.57 16.78
CA GLY B 78 -6.55 -3.56 16.71
C GLY B 78 -6.96 -3.41 15.26
N ILE B 79 -8.19 -2.93 15.06
CA ILE B 79 -8.80 -2.91 13.73
C ILE B 79 -9.01 -1.47 13.26
N VAL B 80 -8.62 -1.20 12.02
CA VAL B 80 -8.78 0.07 11.34
C VAL B 80 -9.51 -0.19 10.03
N LEU B 81 -10.69 0.39 9.87
CA LEU B 81 -11.50 0.23 8.66
C LEU B 81 -11.27 1.45 7.75
N CYS B 82 -10.67 1.22 6.57
CA CYS B 82 -10.13 2.30 5.73
C CYS B 82 -11.20 2.88 4.78
N THR B 83 -12.31 3.32 5.37
CA THR B 83 -13.43 3.84 4.61
C THR B 83 -14.43 4.48 5.56
N ASN B 84 -14.93 5.66 5.18
CA ASN B 84 -15.95 6.31 5.99
C ASN B 84 -17.30 5.61 5.83
N THR B 85 -17.71 5.37 4.58
CA THR B 85 -19.04 4.82 4.33
C THR B 85 -19.26 3.53 5.10
N MET B 86 -18.29 2.66 5.13
CA MET B 86 -18.57 1.35 5.69
C MET B 86 -18.57 1.34 7.21
N HIS B 87 -18.30 2.48 7.83
CA HIS B 87 -18.57 2.53 9.25
C HIS B 87 -20.06 2.47 9.53
N LYS B 88 -20.89 2.49 8.47
CA LYS B 88 -22.30 2.18 8.64
C LYS B 88 -22.50 0.80 9.26
N VAL B 89 -21.58 -0.14 9.01
CA VAL B 89 -21.68 -1.50 9.56
C VAL B 89 -20.56 -1.78 10.57
N ALA B 90 -20.00 -0.72 11.17
CA ALA B 90 -18.97 -0.91 12.20
C ALA B 90 -19.48 -1.77 13.35
N ASP B 91 -20.77 -1.66 13.67
CA ASP B 91 -21.32 -2.44 14.78
C ASP B 91 -21.12 -3.93 14.57
N ALA B 92 -21.21 -4.39 13.33
CA ALA B 92 -21.02 -5.81 13.06
C ALA B 92 -19.59 -6.24 13.39
N ILE B 93 -18.61 -5.41 13.05
CA ILE B 93 -17.22 -5.74 13.31
C ILE B 93 -16.94 -5.69 14.81
N GLU B 94 -17.37 -4.61 15.46
CA GLU B 94 -17.11 -4.46 16.90
C GLU B 94 -17.83 -5.51 17.73
N SER B 95 -18.97 -6.01 17.25
CA SER B 95 -19.70 -6.99 18.02
C SER B 95 -19.09 -8.38 17.91
N ARG B 96 -18.52 -8.70 16.75
CA ARG B 96 -18.03 -10.05 16.51
C ARG B 96 -16.52 -10.18 16.70
N CYS B 97 -15.78 -9.08 16.71
CA CYS B 97 -14.34 -9.08 16.92
C CYS B 97 -14.00 -8.33 18.20
N THR B 98 -13.34 -9.03 19.13
CA THR B 98 -12.99 -8.47 20.43
C THR B 98 -11.86 -7.46 20.37
N LEU B 99 -11.13 -7.36 19.26
CA LEU B 99 -10.03 -6.42 19.18
C LEU B 99 -10.54 -4.98 19.32
N PRO B 100 -9.73 -4.09 19.87
CA PRO B 100 -10.07 -2.66 19.84
C PRO B 100 -10.32 -2.22 18.41
N PHE B 101 -11.44 -1.52 18.19
CA PHE B 101 -11.84 -0.99 16.91
C PHE B 101 -11.69 0.53 16.95
N LEU B 102 -10.84 1.08 16.08
CA LEU B 102 -10.51 2.50 16.05
C LEU B 102 -11.46 3.18 15.08
N HIS B 103 -12.59 3.67 15.59
CA HIS B 103 -13.63 4.24 14.76
C HIS B 103 -13.15 5.53 14.09
N ILE B 104 -13.36 5.62 12.77
CA ILE B 104 -12.90 6.79 12.02
C ILE B 104 -13.57 8.07 12.51
N ALA B 105 -14.84 8.00 12.95
CA ALA B 105 -15.53 9.22 13.35
C ALA B 105 -15.03 9.74 14.69
N ASP B 106 -14.63 8.83 15.59
CA ASP B 106 -13.99 9.24 16.84
C ASP B 106 -12.67 9.95 16.58
N ALA B 107 -11.84 9.40 15.67
CA ALA B 107 -10.58 10.07 15.35
C ALA B 107 -10.82 11.45 14.75
N THR B 108 -11.82 11.57 13.88
CA THR B 108 -12.13 12.86 13.26
C THR B 108 -12.75 13.82 14.26
N GLY B 109 -13.62 13.33 15.15
CA GLY B 109 -14.24 14.19 16.13
C GLY B 109 -13.23 14.81 17.08
N ARG B 110 -12.22 14.03 17.47
CA ARG B 110 -11.20 14.61 18.35
C ARG B 110 -10.34 15.64 17.62
N ALA B 111 -10.16 15.48 16.30
CA ALA B 111 -9.39 16.47 15.56
C ALA B 111 -10.16 17.77 15.43
N ILE B 112 -11.45 17.70 15.12
CA ILE B 112 -12.27 18.89 15.04
C ILE B 112 -12.40 19.52 16.41
N THR B 113 -12.57 18.70 17.44
CA THR B 113 -12.57 19.16 18.82
C THR B 113 -11.30 19.93 19.14
N GLY B 114 -10.14 19.38 18.77
CA GLY B 114 -8.88 20.08 18.99
C GLY B 114 -8.82 21.43 18.32
N ALA B 115 -9.47 21.58 17.17
CA ALA B 115 -9.49 22.86 16.47
C ALA B 115 -10.51 23.84 17.05
N GLY B 116 -11.27 23.43 18.07
CA GLY B 116 -12.26 24.32 18.64
C GLY B 116 -13.49 24.55 17.81
N MET B 117 -13.81 23.63 16.89
CA MET B 117 -14.88 23.82 15.93
C MET B 117 -16.10 22.98 16.29
N THR B 118 -17.29 23.53 16.03
CA THR B 118 -18.54 22.82 16.23
C THR B 118 -19.44 22.79 15.01
N ARG B 119 -19.09 23.49 13.93
CA ARG B 119 -19.94 23.60 12.74
C ARG B 119 -19.04 23.49 11.52
N VAL B 120 -19.10 22.36 10.81
CA VAL B 120 -18.16 22.04 9.74
C VAL B 120 -18.93 21.56 8.53
N ALA B 121 -18.32 21.74 7.37
CA ALA B 121 -18.84 21.13 6.15
C ALA B 121 -18.46 19.66 6.14
N LEU B 122 -19.29 18.84 5.50
CA LEU B 122 -19.03 17.42 5.35
C LEU B 122 -19.15 17.04 3.88
N LEU B 123 -18.06 16.54 3.31
CA LEU B 123 -18.03 15.95 1.97
C LEU B 123 -17.82 14.45 2.09
N GLY B 124 -18.45 13.68 1.21
CA GLY B 124 -18.35 12.24 1.31
C GLY B 124 -19.23 11.58 0.27
N THR B 125 -19.43 10.26 0.41
CA THR B 125 -20.45 9.61 -0.40
C THR B 125 -21.81 10.18 -0.05
N ARG B 126 -22.77 9.91 -0.92
CA ARG B 126 -24.15 10.27 -0.61
C ARG B 126 -24.59 9.63 0.70
N TYR B 127 -24.15 8.40 0.97
CA TYR B 127 -24.60 7.71 2.18
C TYR B 127 -24.07 8.41 3.43
N THR B 128 -22.77 8.70 3.45
CA THR B 128 -22.17 9.38 4.59
C THR B 128 -22.75 10.77 4.79
N MET B 129 -23.02 11.50 3.70
CA MET B 129 -23.52 12.86 3.84
C MET B 129 -24.99 12.88 4.29
N GLU B 130 -25.80 11.98 3.77
CA GLU B 130 -27.25 12.08 3.92
C GLU B 130 -27.81 11.28 5.08
N GLN B 131 -27.16 10.20 5.48
CA GLN B 131 -27.72 9.31 6.47
C GLN B 131 -27.26 9.74 7.87
N ASP B 132 -27.62 8.95 8.88
CA ASP B 132 -27.38 9.34 10.27
C ASP B 132 -26.12 8.72 10.87
N PHE B 133 -25.61 7.61 10.31
CA PHE B 133 -24.62 6.79 11.02
C PHE B 133 -23.33 7.54 11.32
N TYR B 134 -22.91 8.45 10.45
CA TYR B 134 -21.67 9.19 10.65
C TYR B 134 -21.93 10.49 11.37
N ARG B 135 -22.82 11.31 10.83
CA ARG B 135 -23.13 12.62 11.41
C ARG B 135 -23.73 12.49 12.80
N GLY B 136 -24.55 11.45 13.02
CA GLY B 136 -25.14 11.25 14.33
C GLY B 136 -24.11 10.97 15.42
N ARG B 137 -23.02 10.29 15.07
CA ARG B 137 -21.97 10.06 16.06
C ARG B 137 -21.23 11.35 16.39
N LEU B 138 -20.88 12.13 15.36
CA LEU B 138 -20.25 13.44 15.60
C LEU B 138 -21.12 14.31 16.48
N THR B 139 -22.44 14.31 16.23
CA THR B 139 -23.36 15.07 17.05
C THR B 139 -23.39 14.53 18.48
N GLU B 140 -23.56 13.23 18.63
CA GLU B 140 -23.79 12.68 19.96
C GLU B 140 -22.54 12.70 20.82
N GLN B 141 -21.40 12.33 20.24
CA GLN B 141 -20.19 12.17 21.00
C GLN B 141 -19.38 13.45 21.13
N PHE B 142 -19.55 14.41 20.21
CA PHE B 142 -18.72 15.60 20.19
C PHE B 142 -19.48 16.92 20.06
N SER B 143 -20.80 16.89 19.93
CA SER B 143 -21.57 18.11 19.69
C SER B 143 -21.05 18.87 18.48
N ILE B 144 -20.66 18.12 17.44
CA ILE B 144 -20.25 18.71 16.18
C ILE B 144 -21.39 18.55 15.18
N ASN B 145 -21.74 19.64 14.52
CA ASN B 145 -22.78 19.68 13.50
C ASN B 145 -22.14 19.75 12.12
N CYS B 146 -22.70 19.02 11.17
CA CYS B 146 -22.19 18.99 9.81
C CYS B 146 -23.14 19.70 8.85
N LEU B 147 -22.58 20.52 7.96
CA LEU B 147 -23.32 21.09 6.84
C LEU B 147 -22.98 20.30 5.58
N ILE B 148 -23.98 20.05 4.75
CA ILE B 148 -23.77 19.22 3.56
C ILE B 148 -24.23 19.98 2.32
N PRO B 149 -23.70 19.61 1.16
CA PRO B 149 -24.08 20.30 -0.08
C PRO B 149 -25.54 20.06 -0.43
N GLU B 150 -26.04 20.89 -1.34
CA GLU B 150 -27.39 20.71 -1.87
C GLU B 150 -27.46 19.41 -2.68
N ALA B 151 -28.70 19.01 -3.02
CA ALA B 151 -28.94 17.69 -3.60
C ALA B 151 -28.19 17.50 -4.91
N ASP B 152 -28.26 18.48 -5.81
CA ASP B 152 -27.55 18.34 -7.09
C ASP B 152 -26.05 18.25 -6.87
N GLU B 153 -25.54 19.02 -5.90
CA GLU B 153 -24.11 18.95 -5.60
C GLU B 153 -23.74 17.59 -5.02
N ARG B 154 -24.57 17.05 -4.12
CA ARG B 154 -24.27 15.75 -3.53
C ARG B 154 -24.20 14.66 -4.59
N ALA B 155 -25.13 14.68 -5.55
CA ALA B 155 -25.14 13.67 -6.59
C ALA B 155 -23.86 13.70 -7.41
N LYS B 156 -23.35 14.90 -7.73
CA LYS B 156 -22.14 14.98 -8.53
C LYS B 156 -20.90 14.67 -7.69
N ILE B 157 -20.89 15.07 -6.42
CA ILE B 157 -19.78 14.73 -5.54
C ILE B 157 -19.63 13.22 -5.44
N ASN B 158 -20.75 12.53 -5.19
CA ASN B 158 -20.78 11.07 -5.12
C ASN B 158 -20.41 10.46 -6.46
N GLN B 159 -21.00 10.99 -7.53
CA GLN B 159 -20.61 10.66 -8.88
C GLN B 159 -19.09 10.64 -9.06
N ILE B 160 -18.41 11.73 -8.69
CA ILE B 160 -16.96 11.83 -8.91
C ILE B 160 -16.20 10.79 -8.11
N ILE B 161 -16.66 10.52 -6.89
CA ILE B 161 -16.01 9.52 -6.02
C ILE B 161 -15.95 8.15 -6.72
N PHE B 162 -17.07 7.66 -7.21
CA PHE B 162 -17.11 6.29 -7.68
C PHE B 162 -16.69 6.13 -9.13
N GLU B 163 -16.86 7.15 -9.97
CA GLU B 163 -16.56 7.04 -11.38
C GLU B 163 -15.19 7.60 -11.75
N GLU B 164 -14.57 8.37 -10.85
CA GLU B 164 -13.27 8.95 -11.15
C GLU B 164 -12.25 8.63 -10.07
N LEU B 165 -12.55 9.06 -8.84
CA LEU B 165 -11.59 8.93 -7.75
C LEU B 165 -11.28 7.46 -7.50
N CYS B 166 -12.32 6.63 -7.40
CA CYS B 166 -12.10 5.21 -7.16
C CYS B 166 -11.47 4.49 -8.33
N LEU B 167 -11.33 5.15 -9.48
CA LEU B 167 -10.64 4.60 -10.64
C LEU B 167 -9.30 5.28 -10.90
N GLY B 168 -8.82 6.06 -9.94
CA GLY B 168 -7.53 6.70 -10.08
C GLY B 168 -7.50 7.86 -11.05
N GLN B 169 -8.63 8.51 -11.28
CA GLN B 169 -8.74 9.61 -12.22
C GLN B 169 -8.98 10.90 -11.44
N PHE B 170 -8.06 11.85 -11.54
CA PHE B 170 -8.09 13.10 -10.77
C PHE B 170 -8.07 14.28 -11.73
N THR B 171 -9.26 14.77 -12.08
CA THR B 171 -9.37 15.81 -13.09
C THR B 171 -9.49 17.20 -12.46
N GLU B 172 -9.06 18.20 -13.22
CA GLU B 172 -9.15 19.58 -12.73
C GLU B 172 -10.59 20.01 -12.62
N ALA B 173 -11.41 19.63 -13.60
CA ALA B 173 -12.84 19.93 -13.55
C ALA B 173 -13.45 19.40 -12.25
N SER B 174 -13.13 18.16 -11.89
CA SER B 174 -13.66 17.62 -10.63
C SER B 174 -13.04 18.35 -9.44
N ARG B 175 -11.72 18.55 -9.47
CA ARG B 175 -11.03 19.27 -8.40
C ARG B 175 -11.59 20.67 -8.22
N ALA B 176 -11.81 21.38 -9.34
CA ALA B 176 -12.40 22.71 -9.27
C ALA B 176 -13.83 22.64 -8.75
N TYR B 177 -14.61 21.64 -9.18
CA TYR B 177 -15.98 21.53 -8.70
C TYR B 177 -16.03 21.35 -7.19
N TYR B 178 -15.22 20.43 -6.66
CA TYR B 178 -15.13 20.27 -5.21
C TYR B 178 -14.74 21.58 -4.55
N ALA B 179 -13.83 22.33 -5.18
CA ALA B 179 -13.37 23.57 -4.55
C ALA B 179 -14.51 24.57 -4.46
N GLN B 180 -15.36 24.63 -5.49
CA GLN B 180 -16.49 25.54 -5.47
C GLN B 180 -17.51 25.15 -4.41
N VAL B 181 -17.73 23.85 -4.19
CA VAL B 181 -18.66 23.44 -3.15
C VAL B 181 -18.13 23.84 -1.77
N ILE B 182 -16.83 23.66 -1.55
CA ILE B 182 -16.23 24.05 -0.28
C ILE B 182 -16.39 25.55 -0.04
N ALA B 183 -16.07 26.36 -1.06
CA ALA B 183 -16.26 27.80 -0.93
C ALA B 183 -17.73 28.16 -0.70
N ARG B 184 -18.64 27.33 -1.18
CA ARG B 184 -20.07 27.60 -1.00
C ARG B 184 -20.53 27.29 0.41
N LEU B 185 -20.10 26.16 0.97
CA LEU B 185 -20.46 25.85 2.35
C LEU B 185 -19.80 26.80 3.33
N ALA B 186 -18.63 27.35 2.98
CA ALA B 186 -18.02 28.39 3.80
C ALA B 186 -18.96 29.57 3.98
N GLU B 187 -19.73 29.90 2.94
CA GLU B 187 -20.72 30.98 3.03
C GLU B 187 -21.77 30.71 4.09
N GLN B 188 -22.04 29.45 4.40
CA GLN B 188 -22.98 29.09 5.46
C GLN B 188 -22.32 29.02 6.83
N GLY B 189 -21.11 29.55 6.97
CA GLY B 189 -20.46 29.55 8.26
C GLY B 189 -19.79 28.25 8.64
N ALA B 190 -19.45 27.40 7.68
CA ALA B 190 -18.62 26.25 7.95
C ALA B 190 -17.23 26.70 8.42
N GLN B 191 -16.81 26.21 9.58
CA GLN B 191 -15.53 26.56 10.15
C GLN B 191 -14.38 25.75 9.56
N GLY B 192 -14.65 24.53 9.09
CA GLY B 192 -13.69 23.70 8.39
C GLY B 192 -14.45 22.72 7.51
N VAL B 193 -13.70 21.90 6.78
CA VAL B 193 -14.29 20.92 5.88
C VAL B 193 -13.77 19.53 6.20
N ILE B 194 -14.69 18.59 6.47
CA ILE B 194 -14.32 17.20 6.62
C ILE B 194 -14.23 16.58 5.23
N PHE B 195 -13.06 16.05 4.88
CA PHE B 195 -12.95 15.21 3.68
C PHE B 195 -13.40 13.82 4.11
N GLY B 196 -14.73 13.63 4.13
CA GLY B 196 -15.35 12.46 4.72
C GLY B 196 -15.49 11.29 3.77
N CYS B 197 -14.66 11.29 2.73
CA CYS B 197 -14.43 10.16 1.86
C CYS B 197 -12.92 10.00 1.78
N THR B 198 -12.41 8.79 2.01
CA THR B 198 -10.96 8.63 2.14
C THR B 198 -10.23 8.97 0.84
N GLU B 199 -10.91 9.03 -0.30
CA GLU B 199 -10.24 9.39 -1.54
C GLU B 199 -10.21 10.90 -1.83
N ILE B 200 -10.96 11.73 -1.12
CA ILE B 200 -11.10 13.13 -1.53
C ILE B 200 -9.75 13.85 -1.48
N GLY B 201 -8.93 13.54 -0.48
CA GLY B 201 -7.62 14.18 -0.37
C GLY B 201 -6.69 13.86 -1.52
N LEU B 202 -6.91 12.72 -2.18
CA LEU B 202 -6.13 12.42 -3.39
C LEU B 202 -6.44 13.41 -4.49
N LEU B 203 -7.64 13.98 -4.48
CA LEU B 203 -8.08 14.91 -5.51
C LEU B 203 -7.82 16.36 -5.12
N VAL B 204 -8.16 16.74 -3.90
CA VAL B 204 -8.22 18.14 -3.52
C VAL B 204 -7.09 18.48 -2.57
N PRO B 205 -6.04 19.16 -3.03
CA PRO B 205 -5.02 19.66 -2.11
C PRO B 205 -5.58 20.73 -1.18
N GLU B 206 -4.96 20.82 0.00
CA GLU B 206 -5.43 21.77 1.02
C GLU B 206 -5.46 23.20 0.51
N GLU B 207 -4.53 23.57 -0.37
CA GLU B 207 -4.48 24.93 -0.89
C GLU B 207 -5.61 25.22 -1.88
N ARG B 208 -6.40 24.23 -2.28
CA ARG B 208 -7.59 24.49 -3.08
C ARG B 208 -8.84 24.63 -2.24
N SER B 209 -8.75 24.38 -0.93
CA SER B 209 -9.87 24.52 -0.02
C SER B 209 -9.74 25.84 0.74
N VAL B 210 -10.75 26.70 0.62
CA VAL B 210 -10.74 27.94 1.39
C VAL B 210 -11.03 27.71 2.86
N LEU B 211 -11.38 26.48 3.23
CA LEU B 211 -11.61 26.13 4.63
C LEU B 211 -10.51 25.21 5.15
N PRO B 212 -10.23 25.23 6.44
CA PRO B 212 -9.29 24.25 7.00
C PRO B 212 -9.82 22.84 6.82
N VAL B 213 -8.91 21.92 6.51
CA VAL B 213 -9.25 20.59 6.01
C VAL B 213 -9.03 19.56 7.11
N PHE B 214 -10.03 18.70 7.34
CA PHE B 214 -9.90 17.52 8.16
C PHE B 214 -9.90 16.31 7.21
N ASP B 215 -8.70 15.83 6.87
CA ASP B 215 -8.58 14.66 6.00
C ASP B 215 -8.78 13.41 6.85
N THR B 216 -9.91 12.75 6.66
CA THR B 216 -10.27 11.57 7.44
C THR B 216 -9.18 10.51 7.40
N ALA B 217 -8.63 10.23 6.22
CA ALA B 217 -7.63 9.17 6.09
C ALA B 217 -6.38 9.50 6.90
N ALA B 218 -5.91 10.75 6.83
CA ALA B 218 -4.69 11.13 7.53
C ALA B 218 -4.90 11.07 9.03
N ILE B 219 -6.01 11.64 9.49
CA ILE B 219 -6.37 11.63 10.91
C ILE B 219 -6.50 10.20 11.40
N HIS B 220 -7.13 9.33 10.61
CA HIS B 220 -7.31 7.94 11.01
C HIS B 220 -5.96 7.24 11.12
N ALA B 221 -5.07 7.50 10.15
CA ALA B 221 -3.75 6.87 10.18
C ALA B 221 -2.94 7.32 11.40
N GLU B 222 -3.04 8.61 11.78
CA GLU B 222 -2.33 9.13 12.94
C GLU B 222 -2.85 8.50 14.23
N ASP B 223 -4.16 8.26 14.30
CA ASP B 223 -4.73 7.59 15.45
C ASP B 223 -4.25 6.14 15.55
N ALA B 224 -4.14 5.47 14.39
CA ALA B 224 -3.63 4.10 14.37
C ALA B 224 -2.20 4.04 14.90
N VAL B 225 -1.38 5.02 14.50
CA VAL B 225 0.00 5.07 14.97
C VAL B 225 0.04 5.28 16.48
N ALA B 226 -0.78 6.19 16.99
CA ALA B 226 -0.85 6.42 18.43
C ALA B 226 -1.25 5.17 19.20
N PHE B 227 -2.17 4.38 18.63
CA PHE B 227 -2.59 3.13 19.26
C PHE B 227 -1.45 2.11 19.26
N MET B 228 -0.78 1.93 18.12
CA MET B 228 0.19 0.85 18.00
C MET B 228 1.29 0.97 19.04
N LEU B 229 1.61 2.18 19.47
CA LEU B 229 2.66 2.30 20.48
C LEU B 229 2.18 3.04 21.71
N SER B 230 0.87 3.05 21.93
CA SER B 230 0.25 3.37 23.23
C SER B 230 0.54 4.82 23.64
N LEU B 231 0.34 5.73 22.71
CA LEU B 231 0.49 7.15 22.97
C LEU B 231 -0.86 7.81 23.26
#